data_4M2Z
#
_entry.id   4M2Z
#
_cell.length_a   81.131
_cell.length_b   81.131
_cell.length_c   223.892
_cell.angle_alpha   90.000
_cell.angle_beta   90.000
_cell.angle_gamma   120.000
#
_symmetry.space_group_name_H-M   'P 32 2 1'
#
loop_
_entity.id
_entity.type
_entity.pdbx_description
1 polymer 'Ribonuclease 3'
2 polymer RNA10
3 non-polymer 'MAGNESIUM ION'
4 non-polymer "CYTIDINE-5'-MONOPHOSPHATE"
5 water water
#
loop_
_entity_poly.entity_id
_entity_poly.type
_entity_poly.pdbx_seq_one_letter_code
_entity_poly.pdbx_strand_id
1 'polypeptide(L)'
;MKMLEQLEKKLGYTFKDKSLLEKALTHVSYSKKEHYETLEFLGDALVNFFIVDLLVQYSPNKREGFLSPLKAYLISEEFF
NLLAQKLELHKFIRIKRGKINETIIGDVFEALWAAVYIDSGRDANFTRELFYKLFKEDILSAIKEGRVKKDYKTILQEIT
QKRWKERPEYRLISVEGPHHKKKFIVEAKIKEYRTLGEGKSKKEAEQRAAEELIKLLEESE
;
A,B
2 'polyribonucleotide' AAGGUCAUUCGCAAGAGUGGCCUUGCG C,D
#
loop_
_chem_comp.id
_chem_comp.type
_chem_comp.name
_chem_comp.formula
A RNA linking ADENOSINE-5'-MONOPHOSPHATE 'C10 H14 N5 O7 P'
C RNA linking CYTIDINE-5'-MONOPHOSPHATE 'C9 H14 N3 O8 P'
C5P non-polymer CYTIDINE-5'-MONOPHOSPHATE 'C9 H14 N3 O8 P'
G RNA linking GUANOSINE-5'-MONOPHOSPHATE 'C10 H14 N5 O8 P'
MG non-polymer 'MAGNESIUM ION' 'Mg 2'
U RNA linking URIDINE-5'-MONOPHOSPHATE 'C9 H13 N2 O9 P'
#
# COMPACT_ATOMS: atom_id res chain seq x y z
N LYS A 2 -12.47 12.70 29.95
CA LYS A 2 -13.74 12.05 29.65
C LYS A 2 -13.80 10.69 30.34
N MET A 3 -14.25 9.68 29.60
CA MET A 3 -14.23 8.30 30.08
C MET A 3 -12.94 7.61 29.62
N LEU A 4 -12.06 8.39 29.01
CA LEU A 4 -10.85 7.89 28.37
C LEU A 4 -9.94 7.06 29.28
N GLU A 5 -10.12 7.18 30.59
CA GLU A 5 -9.33 6.43 31.57
C GLU A 5 -9.39 4.93 31.30
N GLN A 6 -10.55 4.46 30.86
CA GLN A 6 -10.75 3.06 30.50
C GLN A 6 -9.78 2.60 29.41
N LEU A 7 -9.92 3.20 28.23
CA LEU A 7 -9.14 2.80 27.06
C LEU A 7 -7.63 2.88 27.31
N GLU A 8 -7.23 3.87 28.09
CA GLU A 8 -5.82 4.06 28.42
C GLU A 8 -5.25 2.88 29.20
N LYS A 9 -6.04 2.37 30.14
CA LYS A 9 -5.63 1.22 30.95
C LYS A 9 -5.60 -0.03 30.08
N LYS A 10 -6.57 -0.14 29.17
CA LYS A 10 -6.62 -1.25 28.23
C LYS A 10 -5.44 -1.18 27.27
N LEU A 11 -4.98 0.04 27.01
CA LEU A 11 -3.89 0.26 26.06
C LEU A 11 -2.53 0.22 26.75
N GLY A 12 -2.54 0.23 28.08
CA GLY A 12 -1.31 0.25 28.86
C GLY A 12 -0.52 1.52 28.66
N TYR A 13 -1.21 2.57 28.22
CA TYR A 13 -0.58 3.85 27.91
C TYR A 13 -1.49 5.02 28.27
N THR A 14 -0.92 6.03 28.90
CA THR A 14 -1.68 7.22 29.28
C THR A 14 -1.22 8.43 28.47
N PHE A 15 -2.17 9.07 27.78
CA PHE A 15 -1.86 10.20 26.90
C PHE A 15 -1.48 11.46 27.66
N LYS A 16 -0.43 12.13 27.19
CA LYS A 16 -0.06 13.42 27.75
C LYS A 16 -1.04 14.49 27.27
N ASP A 17 -1.49 14.35 26.02
CA ASP A 17 -2.48 15.26 25.46
C ASP A 17 -3.77 14.49 25.17
N LYS A 18 -4.81 14.78 25.96
CA LYS A 18 -6.08 14.09 25.86
C LYS A 18 -6.85 14.52 24.63
N SER A 19 -6.61 15.75 24.19
CA SER A 19 -7.24 16.31 23.00
C SER A 19 -6.84 15.50 21.77
N LEU A 20 -5.64 14.95 21.80
CA LEU A 20 -5.11 14.14 20.72
C LEU A 20 -5.79 12.76 20.70
N LEU A 21 -6.03 12.22 21.89
CA LEU A 21 -6.70 10.94 22.02
C LEU A 21 -8.16 11.05 21.61
N GLU A 22 -8.77 12.18 21.94
CA GLU A 22 -10.16 12.44 21.61
C GLU A 22 -10.34 12.53 20.10
N LYS A 23 -9.35 13.14 19.45
CA LYS A 23 -9.39 13.38 18.02
C LYS A 23 -9.36 12.09 17.21
N ALA A 24 -8.79 11.04 17.79
CA ALA A 24 -8.69 9.75 17.12
C ALA A 24 -10.00 8.98 17.17
N LEU A 25 -10.82 9.28 18.16
CA LEU A 25 -12.08 8.58 18.38
C LEU A 25 -13.27 9.31 17.76
N THR A 26 -12.99 10.47 17.18
CA THR A 26 -14.06 11.34 16.68
C THR A 26 -14.21 11.27 15.16
N HIS A 27 -15.40 10.93 14.71
CA HIS A 27 -15.73 10.97 13.29
C HIS A 27 -15.99 12.40 12.86
N VAL A 28 -15.81 12.68 11.57
CA VAL A 28 -16.05 14.01 11.02
C VAL A 28 -17.47 14.52 11.32
N SER A 29 -18.42 13.59 11.38
CA SER A 29 -19.80 13.91 11.70
C SER A 29 -19.95 14.56 13.08
N TYR A 30 -19.33 13.95 14.08
CA TYR A 30 -19.37 14.45 15.44
C TYR A 30 -18.79 15.85 15.51
N SER A 31 -17.56 15.99 15.02
CA SER A 31 -16.88 17.28 15.01
C SER A 31 -16.37 17.60 13.61
N LYS A 32 -16.89 18.68 13.03
CA LYS A 32 -16.46 19.13 11.71
C LYS A 32 -15.10 19.80 11.78
N LYS A 33 -14.61 19.98 13.01
CA LYS A 33 -13.32 20.64 13.23
C LYS A 33 -12.21 19.64 13.51
N GLU A 34 -12.32 18.94 14.64
CA GLU A 34 -11.30 17.97 15.05
C GLU A 34 -11.78 16.52 14.95
N HIS A 35 -11.18 15.77 14.02
CA HIS A 35 -11.50 14.36 13.85
C HIS A 35 -10.30 13.53 13.38
N TYR A 36 -10.52 12.26 13.07
CA TYR A 36 -9.42 11.32 12.91
C TYR A 36 -8.82 11.19 11.50
N GLU A 37 -9.29 12.00 10.55
CA GLU A 37 -8.91 11.82 9.15
C GLU A 37 -7.41 11.83 8.90
N THR A 38 -6.71 12.77 9.54
CA THR A 38 -5.27 12.90 9.34
C THR A 38 -4.51 11.74 9.98
N LEU A 39 -4.91 11.35 11.19
CA LEU A 39 -4.24 10.28 11.90
C LEU A 39 -4.48 8.92 11.23
N GLU A 40 -5.58 8.82 10.48
CA GLU A 40 -5.87 7.61 9.74
C GLU A 40 -4.82 7.44 8.63
N PHE A 41 -4.42 8.55 8.04
CA PHE A 41 -3.42 8.55 6.97
C PHE A 41 -2.06 8.09 7.47
N LEU A 42 -1.55 8.75 8.51
CA LEU A 42 -0.27 8.38 9.10
C LEU A 42 -0.36 7.01 9.74
N GLY A 43 -1.51 6.71 10.33
CA GLY A 43 -1.72 5.46 11.03
C GLY A 43 -1.60 4.22 10.16
N ASP A 44 -2.05 4.33 8.92
CA ASP A 44 -1.95 3.23 7.96
C ASP A 44 -0.49 2.91 7.70
N ALA A 45 0.26 3.91 7.27
CA ALA A 45 1.68 3.74 6.97
C ALA A 45 2.47 3.23 8.19
N LEU A 46 2.09 3.70 9.37
CA LEU A 46 2.78 3.31 10.60
C LEU A 46 2.50 1.85 10.96
N VAL A 47 1.22 1.50 11.03
CA VAL A 47 0.80 0.17 11.46
C VAL A 47 1.10 -0.90 10.41
N ASN A 48 1.04 -0.52 9.13
CA ASN A 48 1.44 -1.41 8.04
C ASN A 48 2.90 -1.83 8.20
N PHE A 49 3.72 -0.89 8.66
CA PHE A 49 5.14 -1.16 8.90
C PHE A 49 5.34 -2.09 10.10
N PHE A 50 4.50 -1.94 11.12
CA PHE A 50 4.58 -2.79 12.30
C PHE A 50 4.41 -4.25 11.92
N ILE A 51 3.35 -4.52 11.15
CA ILE A 51 3.04 -5.86 10.69
C ILE A 51 4.15 -6.46 9.84
N VAL A 52 4.59 -5.71 8.84
CA VAL A 52 5.63 -6.17 7.92
C VAL A 52 6.92 -6.52 8.66
N ASP A 53 7.30 -5.70 9.64
CA ASP A 53 8.50 -5.94 10.42
C ASP A 53 8.38 -7.19 11.28
N LEU A 54 7.16 -7.51 11.69
CA LEU A 54 6.90 -8.69 12.51
C LEU A 54 7.00 -9.96 11.67
N LEU A 55 6.54 -9.88 10.41
CA LEU A 55 6.55 -11.02 9.51
C LEU A 55 7.96 -11.44 9.12
N VAL A 56 8.74 -10.49 8.63
CA VAL A 56 10.13 -10.73 8.23
C VAL A 56 10.94 -11.31 9.40
N GLN A 57 10.57 -10.92 10.61
CA GLN A 57 11.30 -11.32 11.81
C GLN A 57 11.00 -12.76 12.23
N TYR A 58 9.77 -13.01 12.68
CA TYR A 58 9.43 -14.26 13.36
C TYR A 58 9.12 -15.50 12.50
N SER A 59 8.52 -15.31 11.33
CA SER A 59 8.16 -16.45 10.48
C SER A 59 9.38 -17.07 9.81
N PRO A 60 9.48 -18.42 9.85
CA PRO A 60 10.59 -19.18 9.25
C PRO A 60 10.73 -18.94 7.76
N ASN A 61 9.61 -18.73 7.07
CA ASN A 61 9.66 -18.48 5.64
C ASN A 61 9.66 -16.99 5.35
N LYS A 62 10.81 -16.48 4.92
CA LYS A 62 10.96 -15.05 4.65
C LYS A 62 10.88 -14.72 3.16
N ARG A 63 10.64 -15.76 2.36
CA ARG A 63 10.44 -15.61 0.91
C ARG A 63 9.29 -14.66 0.64
N GLU A 64 9.50 -13.70 -0.27
CA GLU A 64 8.55 -12.63 -0.51
C GLU A 64 7.19 -13.13 -0.97
N GLY A 65 7.18 -14.05 -1.94
CA GLY A 65 5.95 -14.61 -2.47
C GLY A 65 5.10 -15.25 -1.40
N PHE A 66 5.75 -15.73 -0.34
CA PHE A 66 5.07 -16.29 0.82
C PHE A 66 4.50 -15.20 1.74
N LEU A 67 5.33 -14.20 2.03
CA LEU A 67 4.99 -13.19 3.04
C LEU A 67 3.94 -12.17 2.63
N SER A 68 3.98 -11.74 1.36
CA SER A 68 3.05 -10.71 0.88
C SER A 68 1.55 -11.04 1.03
N PRO A 69 1.14 -12.28 0.69
CA PRO A 69 -0.27 -12.63 0.93
C PRO A 69 -0.66 -12.56 2.40
N LEU A 70 0.27 -12.90 3.30
CA LEU A 70 0.01 -12.79 4.73
C LEU A 70 -0.21 -11.33 5.12
N LYS A 71 0.64 -10.45 4.59
CA LYS A 71 0.52 -9.02 4.83
C LYS A 71 -0.85 -8.50 4.42
N ALA A 72 -1.34 -8.98 3.27
CA ALA A 72 -2.62 -8.54 2.72
C ALA A 72 -3.78 -8.72 3.69
N TYR A 73 -3.80 -9.83 4.41
CA TYR A 73 -4.85 -10.09 5.40
C TYR A 73 -4.59 -9.33 6.69
N LEU A 74 -3.33 -9.29 7.12
CA LEU A 74 -2.97 -8.72 8.41
C LEU A 74 -3.12 -7.20 8.45
N ILE A 75 -2.99 -6.54 7.31
CA ILE A 75 -3.15 -5.09 7.25
C ILE A 75 -4.56 -4.69 6.82
N SER A 76 -5.44 -5.68 6.65
CA SER A 76 -6.77 -5.44 6.11
C SER A 76 -7.72 -4.75 7.10
N GLU A 77 -8.94 -4.48 6.62
CA GLU A 77 -9.96 -3.83 7.43
C GLU A 77 -10.60 -4.83 8.39
N GLU A 78 -10.81 -6.05 7.90
CA GLU A 78 -11.39 -7.11 8.70
C GLU A 78 -10.50 -7.47 9.89
N PHE A 79 -9.19 -7.51 9.65
CA PHE A 79 -8.25 -7.93 10.68
C PHE A 79 -8.06 -6.85 11.74
N PHE A 80 -8.20 -5.59 11.31
CA PHE A 80 -8.09 -4.47 12.25
C PHE A 80 -9.31 -4.41 13.15
N ASN A 81 -10.47 -4.78 12.62
CA ASN A 81 -11.68 -4.91 13.42
C ASN A 81 -11.52 -6.00 14.47
N LEU A 82 -10.78 -7.05 14.11
CA LEU A 82 -10.52 -8.16 15.02
C LEU A 82 -9.61 -7.72 16.17
N LEU A 83 -8.53 -7.03 15.83
CA LEU A 83 -7.60 -6.51 16.83
C LEU A 83 -8.26 -5.44 17.71
N ALA A 84 -9.23 -4.73 17.15
CA ALA A 84 -9.91 -3.66 17.87
C ALA A 84 -10.90 -4.19 18.90
N GLN A 85 -11.39 -5.40 18.69
CA GLN A 85 -12.32 -6.04 19.62
C GLN A 85 -11.67 -6.26 20.99
N LYS A 86 -10.35 -6.38 20.99
CA LYS A 86 -9.58 -6.52 22.21
C LYS A 86 -9.68 -5.25 23.05
N LEU A 87 -9.59 -4.10 22.38
CA LEU A 87 -9.61 -2.80 23.04
C LEU A 87 -11.04 -2.34 23.33
N GLU A 88 -12.02 -3.04 22.76
CA GLU A 88 -13.42 -2.64 22.85
C GLU A 88 -13.61 -1.21 22.36
N LEU A 89 -13.10 -0.94 21.16
CA LEU A 89 -13.04 0.42 20.62
C LEU A 89 -14.40 1.07 20.37
N HIS A 90 -15.37 0.28 19.92
CA HIS A 90 -16.66 0.81 19.50
C HIS A 90 -17.39 1.59 20.60
N LYS A 91 -17.12 1.25 21.86
CA LYS A 91 -17.78 1.93 22.96
C LYS A 91 -17.10 3.28 23.27
N PHE A 92 -15.90 3.47 22.76
CA PHE A 92 -15.19 4.73 22.93
C PHE A 92 -15.32 5.67 21.74
N ILE A 93 -15.98 5.19 20.68
CA ILE A 93 -16.07 5.97 19.44
C ILE A 93 -17.16 7.04 19.50
N ARG A 94 -16.80 8.27 19.15
CA ARG A 94 -17.74 9.39 19.15
C ARG A 94 -18.21 9.68 17.74
N ILE A 95 -19.49 9.43 17.47
CA ILE A 95 -20.03 9.58 16.13
C ILE A 95 -21.43 10.18 16.15
N LYS A 96 -21.71 11.05 15.19
CA LYS A 96 -22.98 11.76 15.14
C LYS A 96 -24.04 11.00 14.36
N ARG A 97 -23.81 10.84 13.05
CA ARG A 97 -24.79 10.18 12.19
C ARG A 97 -24.26 8.91 11.53
N GLY A 98 -25.09 7.88 11.56
CA GLY A 98 -24.72 6.60 10.98
C GLY A 98 -24.20 5.63 12.01
N LYS A 99 -24.41 4.34 11.76
CA LYS A 99 -23.91 3.30 12.64
C LYS A 99 -22.39 3.23 12.59
N ILE A 100 -21.78 2.61 13.59
CA ILE A 100 -20.35 2.41 13.57
C ILE A 100 -20.08 1.08 12.90
N ASN A 101 -19.51 1.15 11.70
CA ASN A 101 -19.27 -0.05 10.91
C ASN A 101 -17.81 -0.48 10.92
N GLU A 102 -17.50 -1.53 10.16
CA GLU A 102 -16.13 -2.04 10.11
C GLU A 102 -15.16 -1.03 9.53
N THR A 103 -15.66 -0.16 8.65
CA THR A 103 -14.83 0.86 8.04
C THR A 103 -14.40 1.90 9.07
N ILE A 104 -15.35 2.38 9.86
CA ILE A 104 -15.08 3.38 10.88
C ILE A 104 -14.13 2.84 11.94
N ILE A 105 -14.34 1.59 12.35
CA ILE A 105 -13.49 0.96 13.35
C ILE A 105 -12.09 0.70 12.79
N GLY A 106 -12.02 0.30 11.53
CA GLY A 106 -10.75 0.10 10.87
C GLY A 106 -9.99 1.40 10.75
N ASP A 107 -10.73 2.48 10.52
CA ASP A 107 -10.14 3.81 10.45
C ASP A 107 -9.67 4.28 11.82
N VAL A 108 -10.53 4.11 12.82
CA VAL A 108 -10.21 4.51 14.19
C VAL A 108 -8.99 3.74 14.70
N PHE A 109 -8.90 2.46 14.36
CA PHE A 109 -7.79 1.63 14.84
C PHE A 109 -6.43 2.13 14.36
N GLU A 110 -6.25 2.27 13.05
CA GLU A 110 -4.99 2.79 12.52
C GLU A 110 -4.73 4.23 12.98
N ALA A 111 -5.81 5.00 13.14
CA ALA A 111 -5.69 6.37 13.63
C ALA A 111 -5.33 6.45 15.12
N LEU A 112 -5.86 5.52 15.91
CA LEU A 112 -5.60 5.49 17.35
C LEU A 112 -4.12 5.30 17.63
N TRP A 113 -3.45 4.53 16.78
CA TRP A 113 -2.04 4.24 16.96
C TRP A 113 -1.13 5.39 16.56
N ALA A 114 -1.59 6.20 15.61
CA ALA A 114 -0.86 7.41 15.21
C ALA A 114 -0.93 8.41 16.35
N ALA A 115 -2.01 8.37 17.13
CA ALA A 115 -2.16 9.24 18.28
C ALA A 115 -1.12 8.92 19.35
N VAL A 116 -1.01 7.63 19.67
CA VAL A 116 0.02 7.16 20.59
C VAL A 116 1.40 7.54 20.08
N TYR A 117 1.58 7.45 18.76
CA TYR A 117 2.83 7.80 18.11
C TYR A 117 3.20 9.26 18.33
N ILE A 118 2.26 10.15 18.05
CA ILE A 118 2.49 11.58 18.21
C ILE A 118 2.68 11.97 19.67
N ASP A 119 1.88 11.38 20.55
CA ASP A 119 1.92 11.69 21.98
C ASP A 119 3.21 11.20 22.65
N SER A 120 3.90 10.27 22.00
CA SER A 120 5.13 9.73 22.55
C SER A 120 6.34 10.56 22.11
N GLY A 121 6.07 11.65 21.40
CA GLY A 121 7.12 12.48 20.85
C GLY A 121 7.65 11.88 19.57
N ARG A 122 6.76 11.18 18.85
CA ARG A 122 7.12 10.48 17.63
C ARG A 122 8.23 9.44 17.85
N ASP A 123 8.03 8.60 18.86
CA ASP A 123 8.93 7.49 19.13
C ASP A 123 8.36 6.25 18.47
N ALA A 124 9.04 5.77 17.43
CA ALA A 124 8.59 4.58 16.71
C ALA A 124 8.95 3.30 17.45
N ASN A 125 10.14 3.27 18.04
CA ASN A 125 10.60 2.11 18.81
C ASN A 125 9.66 1.76 19.94
N PHE A 126 9.26 2.78 20.72
CA PHE A 126 8.35 2.60 21.83
C PHE A 126 6.95 2.19 21.38
N THR A 127 6.47 2.86 20.33
CA THR A 127 5.13 2.61 19.81
C THR A 127 5.02 1.21 19.22
N ARG A 128 6.00 0.83 18.41
CA ARG A 128 6.05 -0.51 17.84
C ARG A 128 6.09 -1.58 18.93
N GLU A 129 6.77 -1.25 20.02
CA GLU A 129 6.87 -2.16 21.16
C GLU A 129 5.53 -2.32 21.84
N LEU A 130 4.80 -1.21 21.99
CA LEU A 130 3.49 -1.22 22.60
C LEU A 130 2.48 -1.94 21.72
N PHE A 131 2.68 -1.87 20.40
CA PHE A 131 1.79 -2.57 19.47
C PHE A 131 1.99 -4.07 19.61
N TYR A 132 3.27 -4.46 19.71
CA TYR A 132 3.62 -5.86 19.96
C TYR A 132 3.18 -6.27 21.35
N LYS A 133 3.27 -5.33 22.29
CA LYS A 133 2.90 -5.60 23.68
C LYS A 133 1.52 -6.23 23.77
N LEU A 134 0.54 -5.58 23.14
CA LEU A 134 -0.81 -6.13 23.06
C LEU A 134 -0.95 -7.28 22.06
N PHE A 135 -0.60 -7.03 20.80
CA PHE A 135 -0.98 -7.92 19.69
C PHE A 135 0.03 -8.94 19.15
N LYS A 136 1.26 -8.95 19.65
CA LYS A 136 2.31 -9.74 19.00
C LYS A 136 2.05 -11.25 18.94
N GLU A 137 1.82 -11.86 20.10
CA GLU A 137 1.56 -13.29 20.15
C GLU A 137 0.19 -13.59 19.54
N ASP A 138 -0.76 -12.70 19.78
CA ASP A 138 -2.12 -12.82 19.25
C ASP A 138 -2.11 -12.89 17.73
N ILE A 139 -1.28 -12.06 17.11
CA ILE A 139 -1.12 -12.08 15.67
C ILE A 139 -0.40 -13.35 15.23
N LEU A 140 0.73 -13.61 15.88
CA LEU A 140 1.57 -14.77 15.57
C LEU A 140 0.85 -16.10 15.79
N SER A 141 -0.12 -16.11 16.70
CA SER A 141 -0.90 -17.32 16.98
C SER A 141 -1.91 -17.56 15.86
N ALA A 142 -2.40 -16.48 15.26
CA ALA A 142 -3.38 -16.59 14.19
C ALA A 142 -2.77 -17.21 12.94
N ILE A 143 -1.52 -16.88 12.67
CA ILE A 143 -0.79 -17.45 11.54
C ILE A 143 -0.47 -18.91 11.82
N LYS A 144 0.01 -19.17 13.04
CA LYS A 144 0.38 -20.52 13.46
C LYS A 144 -0.80 -21.48 13.39
N GLU A 145 -1.99 -20.98 13.74
CA GLU A 145 -3.18 -21.81 13.78
C GLU A 145 -3.95 -21.79 12.46
N GLY A 146 -3.41 -21.05 11.48
CA GLY A 146 -4.04 -20.95 10.18
C GLY A 146 -5.41 -20.30 10.22
N ARG A 147 -5.53 -19.26 11.02
CA ARG A 147 -6.79 -18.52 11.13
C ARG A 147 -6.85 -17.41 10.09
N VAL A 148 -5.82 -17.38 9.24
CA VAL A 148 -5.77 -16.46 8.12
C VAL A 148 -6.92 -16.71 7.15
N LYS A 149 -7.59 -15.64 6.75
CA LYS A 149 -8.71 -15.74 5.81
C LYS A 149 -8.23 -16.16 4.43
N LYS A 150 -8.94 -17.12 3.83
CA LYS A 150 -8.60 -17.60 2.50
C LYS A 150 -9.16 -16.67 1.43
N ASP A 151 -8.39 -16.49 0.35
CA ASP A 151 -8.84 -15.67 -0.77
C ASP A 151 -9.33 -16.61 -1.86
N TYR A 152 -10.64 -16.67 -2.06
CA TYR A 152 -11.24 -17.67 -2.94
C TYR A 152 -11.21 -17.30 -4.43
N LYS A 153 -11.29 -16.00 -4.73
CA LYS A 153 -11.20 -15.56 -6.11
C LYS A 153 -9.79 -15.79 -6.66
N THR A 154 -8.80 -15.63 -5.80
CA THR A 154 -7.41 -15.80 -6.21
C THR A 154 -7.00 -17.27 -6.28
N ILE A 155 -7.41 -18.05 -5.30
CA ILE A 155 -7.12 -19.48 -5.26
C ILE A 155 -7.70 -20.21 -6.47
N LEU A 156 -8.96 -19.93 -6.76
CA LEU A 156 -9.67 -20.59 -7.86
C LEU A 156 -9.02 -20.33 -9.22
N GLN A 157 -8.62 -19.08 -9.45
CA GLN A 157 -8.02 -18.68 -10.71
C GLN A 157 -6.72 -19.41 -11.01
N GLU A 158 -5.91 -19.62 -9.96
CA GLU A 158 -4.64 -20.33 -10.11
C GLU A 158 -4.87 -21.83 -10.19
N ILE A 159 -6.04 -22.28 -9.74
CA ILE A 159 -6.41 -23.69 -9.85
C ILE A 159 -6.74 -24.05 -11.29
N THR A 160 -7.57 -23.21 -11.92
CA THR A 160 -8.01 -23.46 -13.29
C THR A 160 -6.88 -23.25 -14.30
N GLN A 161 -6.06 -22.24 -14.06
CA GLN A 161 -4.95 -21.93 -14.97
C GLN A 161 -3.86 -22.98 -14.90
N LYS A 162 -3.80 -23.72 -13.81
CA LYS A 162 -2.85 -24.82 -13.68
C LYS A 162 -3.36 -26.04 -14.45
N ARG A 163 -4.67 -26.24 -14.41
CA ARG A 163 -5.28 -27.43 -15.01
C ARG A 163 -5.75 -27.17 -16.44
N TRP A 164 -6.77 -26.31 -16.57
CA TRP A 164 -7.41 -26.10 -17.87
C TRP A 164 -6.86 -24.91 -18.66
N LYS A 165 -5.88 -24.21 -18.10
CA LYS A 165 -5.30 -23.02 -18.72
C LYS A 165 -6.37 -21.98 -19.04
N GLU A 166 -7.37 -21.90 -18.17
CA GLU A 166 -8.49 -20.98 -18.37
C GLU A 166 -8.77 -20.21 -17.08
N ARG A 167 -9.60 -19.19 -17.19
CA ARG A 167 -9.98 -18.37 -16.04
C ARG A 167 -11.47 -18.53 -15.73
N PRO A 168 -11.83 -18.47 -14.44
CA PRO A 168 -13.24 -18.53 -14.03
C PRO A 168 -13.99 -17.30 -14.53
N GLU A 169 -15.28 -17.46 -14.81
CA GLU A 169 -16.09 -16.37 -15.33
C GLU A 169 -17.31 -16.11 -14.44
N TYR A 170 -17.42 -14.87 -13.95
CA TYR A 170 -18.46 -14.51 -13.00
C TYR A 170 -19.63 -13.77 -13.66
N ARG A 171 -20.83 -14.31 -13.50
CA ARG A 171 -22.04 -13.70 -14.05
C ARG A 171 -22.98 -13.28 -12.94
N LEU A 172 -23.59 -12.10 -13.10
CA LEU A 172 -24.52 -11.58 -12.09
C LEU A 172 -25.95 -11.98 -12.42
N ILE A 173 -26.52 -12.85 -11.59
CA ILE A 173 -27.85 -13.39 -11.88
C ILE A 173 -29.02 -12.60 -11.31
N SER A 174 -28.76 -11.74 -10.32
CA SER A 174 -29.83 -10.90 -9.74
C SER A 174 -29.34 -9.79 -8.81
N VAL A 175 -30.29 -8.96 -8.39
CA VAL A 175 -30.09 -7.94 -7.36
C VAL A 175 -31.44 -7.77 -6.65
N GLU A 176 -31.41 -7.57 -5.33
CA GLU A 176 -32.65 -7.28 -4.60
C GLU A 176 -32.43 -6.45 -3.34
N GLY A 177 -33.42 -5.63 -3.01
CA GLY A 177 -33.36 -4.77 -1.84
C GLY A 177 -33.15 -3.31 -2.18
N PRO A 178 -33.17 -2.44 -1.16
CA PRO A 178 -32.97 -1.00 -1.30
C PRO A 178 -31.60 -0.68 -1.92
N HIS A 179 -31.44 0.52 -2.46
CA HIS A 179 -30.20 0.85 -3.16
C HIS A 179 -28.98 0.97 -2.24
N HIS A 180 -29.19 1.41 -0.99
CA HIS A 180 -28.09 1.44 -0.04
C HIS A 180 -27.80 0.09 0.61
N LYS A 181 -28.85 -0.71 0.81
CA LYS A 181 -28.66 -2.09 1.27
C LYS A 181 -29.13 -3.07 0.21
N LYS A 182 -28.18 -3.73 -0.48
CA LYS A 182 -28.54 -4.63 -1.57
C LYS A 182 -28.24 -6.09 -1.29
N LYS A 183 -28.58 -6.93 -2.26
CA LYS A 183 -28.30 -8.36 -2.18
C LYS A 183 -27.83 -8.85 -3.55
N PHE A 184 -26.64 -9.44 -3.60
CA PHE A 184 -26.04 -9.85 -4.87
C PHE A 184 -25.94 -11.37 -5.02
N ILE A 185 -26.52 -11.90 -6.08
CA ILE A 185 -26.37 -13.32 -6.41
C ILE A 185 -25.52 -13.48 -7.67
N VAL A 186 -24.40 -14.16 -7.55
CA VAL A 186 -23.42 -14.25 -8.64
C VAL A 186 -23.02 -15.69 -8.93
N GLU A 187 -22.99 -16.05 -10.20
CA GLU A 187 -22.54 -17.38 -10.61
C GLU A 187 -21.08 -17.36 -11.08
N ALA A 188 -20.34 -18.37 -10.63
CA ALA A 188 -18.97 -18.57 -11.08
C ALA A 188 -18.91 -19.82 -11.95
N LYS A 189 -18.19 -19.74 -13.07
CA LYS A 189 -18.17 -20.86 -14.00
C LYS A 189 -16.78 -21.18 -14.54
N ILE A 190 -16.43 -22.46 -14.50
CA ILE A 190 -15.29 -22.99 -15.24
C ILE A 190 -15.72 -24.31 -15.86
N LYS A 191 -15.49 -24.45 -17.15
CA LYS A 191 -16.00 -25.59 -17.93
C LYS A 191 -17.51 -25.69 -17.67
N GLU A 192 -17.99 -26.90 -17.44
CA GLU A 192 -19.39 -27.11 -17.09
C GLU A 192 -19.69 -26.95 -15.59
N TYR A 193 -18.65 -26.79 -14.79
CA TYR A 193 -18.81 -26.60 -13.35
C TYR A 193 -19.27 -25.18 -13.05
N ARG A 194 -20.40 -25.05 -12.37
CA ARG A 194 -20.93 -23.74 -12.02
C ARG A 194 -21.62 -23.70 -10.65
N THR A 195 -21.38 -22.63 -9.90
CA THR A 195 -21.95 -22.47 -8.56
C THR A 195 -22.45 -21.04 -8.37
N LEU A 196 -23.22 -20.82 -7.31
CA LEU A 196 -23.70 -19.48 -6.99
C LEU A 196 -23.07 -18.96 -5.70
N GLY A 197 -23.42 -17.72 -5.33
CA GLY A 197 -22.92 -17.11 -4.11
C GLY A 197 -23.64 -15.80 -3.82
N GLU A 198 -23.62 -15.37 -2.57
CA GLU A 198 -24.32 -14.15 -2.20
C GLU A 198 -23.45 -13.19 -1.40
N GLY A 199 -23.79 -11.90 -1.43
CA GLY A 199 -23.05 -10.89 -0.72
C GLY A 199 -23.66 -9.51 -0.86
N LYS A 200 -23.20 -8.57 -0.03
CA LYS A 200 -23.69 -7.20 -0.08
C LYS A 200 -22.98 -6.38 -1.14
N SER A 201 -21.98 -6.98 -1.78
CA SER A 201 -21.30 -6.38 -2.90
C SER A 201 -21.02 -7.46 -3.94
N LYS A 202 -20.72 -7.04 -5.17
CA LYS A 202 -20.44 -7.99 -6.25
C LYS A 202 -19.27 -8.90 -5.87
N LYS A 203 -18.18 -8.30 -5.42
CA LYS A 203 -16.97 -9.03 -5.06
C LYS A 203 -17.21 -10.01 -3.91
N GLU A 204 -17.99 -9.59 -2.91
CA GLU A 204 -18.32 -10.44 -1.77
C GLU A 204 -19.10 -11.67 -2.23
N ALA A 205 -20.01 -11.47 -3.17
CA ALA A 205 -20.79 -12.57 -3.73
C ALA A 205 -19.94 -13.44 -4.64
N GLU A 206 -18.96 -12.82 -5.28
CA GLU A 206 -18.04 -13.54 -6.17
C GLU A 206 -17.09 -14.43 -5.38
N GLN A 207 -16.71 -13.96 -4.20
CA GLN A 207 -15.85 -14.73 -3.30
C GLN A 207 -16.59 -15.97 -2.81
N ARG A 208 -17.89 -15.82 -2.59
CA ARG A 208 -18.73 -16.93 -2.15
C ARG A 208 -18.95 -17.92 -3.29
N ALA A 209 -19.15 -17.39 -4.50
CA ALA A 209 -19.35 -18.23 -5.67
C ALA A 209 -18.07 -19.00 -5.99
N ALA A 210 -16.94 -18.31 -5.90
CA ALA A 210 -15.65 -18.93 -6.17
C ALA A 210 -15.31 -20.01 -5.14
N GLU A 211 -15.70 -19.79 -3.90
CA GLU A 211 -15.44 -20.74 -2.82
C GLU A 211 -16.15 -22.07 -3.06
N GLU A 212 -17.43 -21.98 -3.44
CA GLU A 212 -18.22 -23.17 -3.73
C GLU A 212 -17.62 -23.93 -4.91
N LEU A 213 -17.15 -23.20 -5.92
CA LEU A 213 -16.54 -23.80 -7.08
C LEU A 213 -15.29 -24.56 -6.68
N ILE A 214 -14.47 -23.95 -5.83
CA ILE A 214 -13.27 -24.58 -5.29
C ILE A 214 -13.58 -25.91 -4.61
N LYS A 215 -14.56 -25.92 -3.73
CA LYS A 215 -14.97 -27.17 -3.06
C LYS A 215 -15.51 -28.19 -4.06
N LEU A 216 -16.36 -27.73 -4.98
CA LEU A 216 -16.94 -28.59 -6.00
C LEU A 216 -15.86 -29.20 -6.88
N LEU A 217 -14.93 -28.36 -7.34
CA LEU A 217 -13.84 -28.81 -8.20
C LEU A 217 -13.01 -29.92 -7.56
N GLU A 218 -12.26 -29.57 -6.51
CA GLU A 218 -11.30 -30.48 -5.90
C GLU A 218 -11.91 -31.83 -5.52
N GLU A 219 -13.19 -31.83 -5.18
CA GLU A 219 -13.95 -33.07 -5.06
C GLU A 219 -13.91 -33.83 -6.38
N SER A 220 -14.65 -33.33 -7.37
CA SER A 220 -14.65 -33.88 -8.73
C SER A 220 -13.29 -33.76 -9.42
N GLU A 221 -12.93 -32.52 -9.75
CA GLU A 221 -11.72 -32.18 -10.52
C GLU A 221 -11.65 -32.83 -11.91
N MET B 3 34.96 -1.66 -0.99
CA MET B 3 34.13 -0.98 -1.97
C MET B 3 32.97 -0.24 -1.31
N LEU B 4 32.42 -0.84 -0.26
CA LEU B 4 31.28 -0.27 0.44
C LEU B 4 31.58 1.06 1.13
N GLU B 5 32.86 1.28 1.43
CA GLU B 5 33.28 2.45 2.21
C GLU B 5 32.88 3.78 1.60
N GLN B 6 32.79 3.82 0.27
CA GLN B 6 32.41 5.05 -0.43
C GLN B 6 30.92 5.31 -0.28
N LEU B 7 30.14 4.24 -0.22
CA LEU B 7 28.70 4.34 -0.04
C LEU B 7 28.40 4.75 1.39
N GLU B 8 29.18 4.22 2.33
CA GLU B 8 29.00 4.51 3.74
C GLU B 8 29.36 5.96 4.09
N LYS B 9 30.13 6.60 3.22
CA LYS B 9 30.42 8.01 3.37
C LYS B 9 29.23 8.84 2.90
N LYS B 10 28.67 8.45 1.77
CA LYS B 10 27.46 9.08 1.24
C LYS B 10 26.29 8.82 2.18
N LEU B 11 26.16 7.57 2.62
CA LEU B 11 25.12 7.19 3.55
C LEU B 11 25.36 7.83 4.91
N GLY B 12 26.63 8.06 5.23
CA GLY B 12 27.01 8.65 6.50
C GLY B 12 26.82 7.68 7.64
N TYR B 13 26.82 6.39 7.32
CA TYR B 13 26.60 5.35 8.32
C TYR B 13 27.56 4.17 8.15
N THR B 14 28.22 3.81 9.24
CA THR B 14 29.12 2.66 9.24
C THR B 14 28.38 1.39 9.65
N PHE B 15 28.36 0.41 8.75
CA PHE B 15 27.69 -0.86 9.03
C PHE B 15 28.52 -1.75 9.95
N LYS B 16 27.92 -2.16 11.07
CA LYS B 16 28.57 -3.09 11.98
C LYS B 16 28.66 -4.46 11.33
N ASP B 17 27.54 -4.94 10.82
CA ASP B 17 27.50 -6.18 10.07
C ASP B 17 27.42 -5.87 8.58
N LYS B 18 28.51 -6.13 7.86
CA LYS B 18 28.61 -5.77 6.45
C LYS B 18 27.92 -6.80 5.56
N SER B 19 27.54 -7.94 6.14
CA SER B 19 26.87 -9.00 5.40
C SER B 19 25.49 -8.53 4.93
N LEU B 20 24.90 -7.62 5.70
CA LEU B 20 23.61 -7.05 5.38
C LEU B 20 23.71 -6.05 4.22
N LEU B 21 24.66 -5.14 4.34
CA LEU B 21 24.87 -4.11 3.33
C LEU B 21 25.22 -4.73 1.98
N GLU B 22 25.93 -5.84 2.00
CA GLU B 22 26.26 -6.58 0.80
C GLU B 22 25.00 -7.24 0.23
N LYS B 23 24.21 -7.83 1.13
CA LYS B 23 23.00 -8.55 0.76
C LYS B 23 21.97 -7.64 0.09
N ALA B 24 21.84 -6.42 0.61
CA ALA B 24 20.89 -5.46 0.05
C ALA B 24 21.37 -4.91 -1.29
N LEU B 25 22.66 -5.03 -1.55
CA LEU B 25 23.23 -4.54 -2.80
C LEU B 25 23.35 -5.63 -3.86
N THR B 26 22.94 -6.85 -3.52
CA THR B 26 23.15 -7.99 -4.40
C THR B 26 21.88 -8.49 -5.09
N HIS B 27 21.93 -8.51 -6.43
CA HIS B 27 20.84 -9.06 -7.23
C HIS B 27 20.97 -10.59 -7.23
N VAL B 28 19.84 -11.28 -7.36
CA VAL B 28 19.82 -12.74 -7.28
C VAL B 28 20.62 -13.40 -8.42
N SER B 29 20.90 -12.64 -9.47
CA SER B 29 21.67 -13.15 -10.59
C SER B 29 23.16 -13.19 -10.25
N TYR B 30 23.52 -12.55 -9.14
CA TYR B 30 24.89 -12.56 -8.65
C TYR B 30 25.06 -13.70 -7.66
N SER B 31 24.35 -13.60 -6.54
CA SER B 31 24.31 -14.66 -5.55
C SER B 31 22.85 -15.09 -5.30
N LYS B 32 22.56 -16.35 -5.58
CA LYS B 32 21.20 -16.88 -5.44
C LYS B 32 20.74 -16.98 -3.98
N LYS B 33 21.64 -17.44 -3.12
CA LYS B 33 21.30 -17.67 -1.72
C LYS B 33 21.28 -16.40 -0.87
N GLU B 34 21.97 -15.36 -1.34
CA GLU B 34 21.99 -14.08 -0.64
C GLU B 34 21.62 -12.94 -1.59
N HIS B 35 20.48 -12.30 -1.34
CA HIS B 35 19.97 -11.25 -2.22
C HIS B 35 19.01 -10.29 -1.52
N TYR B 36 18.76 -9.14 -2.14
CA TYR B 36 18.02 -8.04 -1.51
C TYR B 36 16.51 -8.28 -1.32
N GLU B 37 16.01 -9.40 -1.83
CA GLU B 37 14.58 -9.66 -1.90
C GLU B 37 13.78 -9.39 -0.62
N THR B 38 14.25 -9.95 0.50
CA THR B 38 13.51 -9.85 1.74
C THR B 38 13.63 -8.48 2.41
N LEU B 39 14.74 -7.78 2.14
CA LEU B 39 14.94 -6.45 2.69
C LEU B 39 14.12 -5.42 1.92
N GLU B 40 13.80 -5.74 0.67
CA GLU B 40 12.98 -4.88 -0.16
C GLU B 40 11.55 -4.86 0.38
N PHE B 41 11.14 -5.99 0.94
CA PHE B 41 9.81 -6.11 1.53
C PHE B 41 9.70 -5.31 2.82
N LEU B 42 10.71 -5.44 3.68
CA LEU B 42 10.77 -4.68 4.92
C LEU B 42 11.02 -3.20 4.62
N GLY B 43 11.85 -2.95 3.61
CA GLY B 43 12.24 -1.59 3.28
C GLY B 43 11.13 -0.72 2.78
N ASP B 44 10.24 -1.29 1.97
CA ASP B 44 9.09 -0.56 1.44
C ASP B 44 8.22 0.01 2.56
N ALA B 45 7.65 -0.87 3.37
CA ALA B 45 6.83 -0.45 4.51
C ALA B 45 7.57 0.49 5.45
N LEU B 46 8.90 0.37 5.51
CA LEU B 46 9.72 1.25 6.32
C LEU B 46 9.82 2.65 5.70
N VAL B 47 10.17 2.70 4.43
CA VAL B 47 10.36 3.95 3.72
C VAL B 47 9.03 4.66 3.44
N ASN B 48 8.04 3.90 3.01
CA ASN B 48 6.70 4.43 2.79
C ASN B 48 6.12 5.07 4.06
N PHE B 49 6.58 4.58 5.20
CA PHE B 49 6.21 5.17 6.49
C PHE B 49 6.95 6.50 6.71
N PHE B 50 8.22 6.54 6.31
CA PHE B 50 9.02 7.75 6.44
C PHE B 50 8.41 8.91 5.67
N ILE B 51 8.08 8.64 4.40
CA ILE B 51 7.48 9.64 3.52
C ILE B 51 6.18 10.19 4.08
N VAL B 52 5.29 9.30 4.49
CA VAL B 52 4.00 9.69 5.06
C VAL B 52 4.17 10.47 6.37
N ASP B 53 5.07 9.98 7.23
CA ASP B 53 5.36 10.66 8.49
C ASP B 53 5.87 12.07 8.24
N LEU B 54 6.78 12.19 7.27
CA LEU B 54 7.31 13.50 6.88
C LEU B 54 6.20 14.38 6.30
N LEU B 55 5.32 13.75 5.54
CA LEU B 55 4.27 14.46 4.82
C LEU B 55 3.27 15.10 5.78
N VAL B 56 2.89 14.36 6.83
CA VAL B 56 1.95 14.84 7.83
C VAL B 56 2.54 15.97 8.66
N GLN B 57 3.86 15.93 8.87
CA GLN B 57 4.53 16.96 9.65
C GLN B 57 4.58 18.31 8.95
N TYR B 58 5.06 18.31 7.71
CA TYR B 58 5.39 19.56 7.02
C TYR B 58 4.34 20.12 6.05
N SER B 59 3.22 19.44 5.90
CA SER B 59 2.18 19.91 4.99
C SER B 59 1.28 20.95 5.63
N PRO B 60 1.12 22.11 4.97
CA PRO B 60 0.20 23.16 5.43
C PRO B 60 -1.22 22.63 5.43
N ASN B 61 -1.56 21.87 4.40
CA ASN B 61 -2.86 21.22 4.31
C ASN B 61 -2.73 19.72 4.59
N LYS B 62 -3.29 19.28 5.71
CA LYS B 62 -3.13 17.89 6.14
C LYS B 62 -4.27 16.96 5.71
N ARG B 63 -5.19 17.49 4.91
CA ARG B 63 -6.32 16.70 4.41
C ARG B 63 -5.84 15.47 3.64
N GLU B 64 -6.50 14.35 3.90
CA GLU B 64 -6.13 13.07 3.29
C GLU B 64 -6.26 13.10 1.77
N GLY B 65 -7.28 13.79 1.28
CA GLY B 65 -7.51 13.89 -0.15
C GLY B 65 -6.40 14.65 -0.86
N PHE B 66 -5.79 15.59 -0.16
CA PHE B 66 -4.65 16.34 -0.68
C PHE B 66 -3.33 15.59 -0.56
N LEU B 67 -3.14 14.90 0.56
CA LEU B 67 -1.87 14.25 0.87
C LEU B 67 -1.65 12.92 0.13
N SER B 68 -2.71 12.14 -0.03
CA SER B 68 -2.60 10.82 -0.65
C SER B 68 -2.06 10.82 -2.09
N PRO B 69 -2.60 11.68 -2.98
CA PRO B 69 -2.03 11.73 -4.33
C PRO B 69 -0.60 12.27 -4.30
N LEU B 70 -0.29 13.09 -3.31
CA LEU B 70 1.06 13.61 -3.14
C LEU B 70 1.97 12.48 -2.68
N LYS B 71 1.41 11.58 -1.88
CA LYS B 71 2.13 10.40 -1.40
C LYS B 71 2.37 9.41 -2.55
N ALA B 72 1.40 9.33 -3.44
CA ALA B 72 1.46 8.39 -4.57
C ALA B 72 2.73 8.55 -5.41
N TYR B 73 3.16 9.80 -5.57
CA TYR B 73 4.39 10.10 -6.33
C TYR B 73 5.66 9.90 -5.50
N LEU B 74 5.61 10.30 -4.23
CA LEU B 74 6.79 10.28 -3.38
C LEU B 74 7.27 8.87 -3.03
N ILE B 75 6.34 7.93 -2.98
CA ILE B 75 6.70 6.54 -2.72
C ILE B 75 6.84 5.75 -4.02
N SER B 76 6.66 6.43 -5.14
CA SER B 76 6.77 5.77 -6.45
C SER B 76 8.21 5.34 -6.73
N GLU B 77 8.37 4.34 -7.58
CA GLU B 77 9.67 3.82 -7.93
C GLU B 77 10.53 4.85 -8.67
N GLU B 78 9.88 5.70 -9.46
CA GLU B 78 10.56 6.77 -10.19
C GLU B 78 11.21 7.77 -9.25
N PHE B 79 10.50 8.13 -8.18
CA PHE B 79 11.01 9.07 -7.20
C PHE B 79 12.14 8.44 -6.37
N PHE B 80 12.05 7.13 -6.16
CA PHE B 80 13.11 6.40 -5.47
C PHE B 80 14.38 6.39 -6.31
N ASN B 81 14.21 6.42 -7.63
CA ASN B 81 15.33 6.46 -8.56
C ASN B 81 16.07 7.79 -8.51
N LEU B 82 15.34 8.85 -8.17
CA LEU B 82 15.96 10.17 -8.05
C LEU B 82 16.71 10.31 -6.73
N LEU B 83 16.14 9.76 -5.66
CA LEU B 83 16.81 9.73 -4.36
C LEU B 83 18.03 8.84 -4.41
N ALA B 84 18.06 7.93 -5.38
CA ALA B 84 19.17 7.02 -5.59
C ALA B 84 20.31 7.71 -6.33
N GLN B 85 19.97 8.63 -7.24
CA GLN B 85 20.96 9.39 -8.00
C GLN B 85 21.87 10.17 -7.07
N LYS B 86 21.33 10.60 -5.94
CA LYS B 86 22.08 11.32 -4.93
C LYS B 86 23.19 10.44 -4.37
N LEU B 87 22.88 9.15 -4.20
CA LEU B 87 23.85 8.20 -3.68
C LEU B 87 24.61 7.48 -4.80
N GLU B 88 24.17 7.69 -6.04
CA GLU B 88 24.72 6.99 -7.20
C GLU B 88 24.75 5.47 -6.96
N LEU B 89 23.57 4.89 -6.82
CA LEU B 89 23.45 3.48 -6.46
C LEU B 89 23.86 2.53 -7.58
N HIS B 90 23.67 2.95 -8.83
CA HIS B 90 23.92 2.09 -9.99
C HIS B 90 25.35 1.59 -10.07
N LYS B 91 26.28 2.32 -9.46
CA LYS B 91 27.68 1.91 -9.44
C LYS B 91 27.98 0.89 -8.34
N PHE B 92 27.12 0.84 -7.33
CA PHE B 92 27.35 -0.03 -6.17
C PHE B 92 26.70 -1.41 -6.24
N ILE B 93 25.84 -1.63 -7.22
CA ILE B 93 25.06 -2.88 -7.26
C ILE B 93 25.85 -4.07 -7.77
N ARG B 94 25.62 -5.23 -7.16
CA ARG B 94 26.18 -6.48 -7.65
C ARG B 94 25.12 -7.17 -8.48
N ILE B 95 25.33 -7.20 -9.79
CA ILE B 95 24.34 -7.72 -10.72
C ILE B 95 25.04 -8.24 -11.98
N LYS B 96 24.55 -9.32 -12.57
CA LYS B 96 25.20 -9.86 -13.76
C LYS B 96 24.34 -9.81 -15.02
N ARG B 97 23.40 -10.75 -15.13
CA ARG B 97 22.42 -10.73 -16.20
C ARG B 97 21.24 -9.81 -15.84
N GLY B 98 20.53 -9.34 -16.86
CA GLY B 98 19.41 -8.45 -16.60
C GLY B 98 19.89 -7.10 -16.08
N LYS B 99 20.69 -6.42 -16.90
CA LYS B 99 21.40 -5.20 -16.51
C LYS B 99 20.51 -4.14 -15.89
N ILE B 100 21.09 -3.33 -15.01
CA ILE B 100 20.37 -2.42 -14.13
C ILE B 100 19.34 -1.53 -14.82
N ASN B 101 18.13 -1.52 -14.26
CA ASN B 101 17.06 -0.62 -14.71
C ASN B 101 16.37 0.00 -13.50
N GLU B 102 15.35 0.82 -13.75
CA GLU B 102 14.71 1.58 -12.68
C GLU B 102 14.00 0.71 -11.63
N THR B 103 13.63 -0.50 -12.04
CA THR B 103 13.02 -1.45 -11.11
C THR B 103 14.07 -1.96 -10.13
N ILE B 104 15.21 -2.39 -10.66
CA ILE B 104 16.29 -2.94 -9.85
C ILE B 104 16.82 -1.90 -8.85
N ILE B 105 16.93 -0.66 -9.31
CA ILE B 105 17.40 0.44 -8.47
C ILE B 105 16.44 0.71 -7.31
N GLY B 106 15.16 0.87 -7.63
CA GLY B 106 14.15 1.14 -6.62
C GLY B 106 14.04 0.05 -5.57
N ASP B 107 14.35 -1.18 -5.97
CA ASP B 107 14.33 -2.31 -5.05
C ASP B 107 15.53 -2.28 -4.11
N VAL B 108 16.69 -1.90 -4.64
CA VAL B 108 17.90 -1.76 -3.83
C VAL B 108 17.73 -0.65 -2.81
N PHE B 109 17.23 0.49 -3.29
CA PHE B 109 17.00 1.66 -2.43
C PHE B 109 16.05 1.32 -1.28
N GLU B 110 15.03 0.50 -1.56
CA GLU B 110 14.13 0.04 -0.51
C GLU B 110 14.87 -0.90 0.43
N ALA B 111 15.60 -1.85 -0.14
CA ALA B 111 16.35 -2.83 0.64
C ALA B 111 17.51 -2.19 1.40
N LEU B 112 18.04 -1.10 0.88
CA LEU B 112 19.19 -0.42 1.48
C LEU B 112 18.87 0.07 2.88
N TRP B 113 17.70 0.68 3.04
CA TRP B 113 17.30 1.28 4.30
C TRP B 113 16.82 0.25 5.33
N ALA B 114 16.29 -0.86 4.84
CA ALA B 114 15.92 -1.96 5.71
C ALA B 114 17.17 -2.54 6.37
N ALA B 115 18.27 -2.56 5.62
CA ALA B 115 19.54 -3.03 6.14
C ALA B 115 20.02 -2.15 7.28
N VAL B 116 19.92 -0.84 7.10
CA VAL B 116 20.33 0.12 8.13
C VAL B 116 19.46 -0.04 9.36
N TYR B 117 18.18 -0.29 9.15
CA TYR B 117 17.24 -0.55 10.22
C TYR B 117 17.66 -1.77 11.03
N ILE B 118 17.96 -2.86 10.34
CA ILE B 118 18.39 -4.09 11.02
C ILE B 118 19.74 -3.93 11.70
N ASP B 119 20.71 -3.39 10.96
CA ASP B 119 22.08 -3.25 11.46
C ASP B 119 22.18 -2.34 12.68
N SER B 120 21.25 -1.41 12.81
CA SER B 120 21.25 -0.48 13.93
C SER B 120 20.56 -1.10 15.15
N GLY B 121 20.19 -2.37 15.02
CA GLY B 121 19.48 -3.07 16.08
C GLY B 121 18.02 -2.71 16.12
N ARG B 122 17.40 -2.62 14.95
CA ARG B 122 15.99 -2.29 14.82
C ARG B 122 15.62 -0.99 15.51
N ASP B 123 16.44 0.03 15.29
CA ASP B 123 16.15 1.37 15.75
C ASP B 123 15.44 2.11 14.62
N ALA B 124 14.15 2.36 14.80
CA ALA B 124 13.35 3.03 13.79
C ALA B 124 13.52 4.54 13.87
N ASN B 125 13.64 5.05 15.08
CA ASN B 125 13.80 6.48 15.31
C ASN B 125 15.07 7.04 14.67
N PHE B 126 16.18 6.32 14.83
CA PHE B 126 17.46 6.74 14.25
C PHE B 126 17.45 6.65 12.74
N THR B 127 17.03 5.49 12.23
CA THR B 127 16.99 5.25 10.79
C THR B 127 16.12 6.28 10.08
N ARG B 128 15.08 6.72 10.78
CA ARG B 128 14.21 7.78 10.26
C ARG B 128 14.97 9.08 10.10
N GLU B 129 15.67 9.48 11.15
CA GLU B 129 16.43 10.74 11.15
C GLU B 129 17.63 10.69 10.21
N LEU B 130 18.17 9.49 10.01
CA LEU B 130 19.28 9.31 9.08
C LEU B 130 18.74 9.49 7.67
N PHE B 131 17.57 8.91 7.40
CA PHE B 131 16.91 9.05 6.12
C PHE B 131 16.54 10.51 5.87
N TYR B 132 16.00 11.14 6.91
CA TYR B 132 15.61 12.55 6.85
C TYR B 132 16.83 13.43 6.56
N LYS B 133 17.93 13.18 7.27
CA LYS B 133 19.16 13.94 7.09
C LYS B 133 19.53 14.06 5.61
N LEU B 134 19.47 12.94 4.90
CA LEU B 134 19.79 12.93 3.47
C LEU B 134 18.73 13.61 2.60
N PHE B 135 17.50 13.11 2.66
CA PHE B 135 16.48 13.49 1.69
C PHE B 135 15.41 14.53 2.08
N LYS B 136 15.44 15.01 3.32
CA LYS B 136 14.37 15.87 3.81
C LYS B 136 14.17 17.13 2.99
N GLU B 137 15.27 17.82 2.71
CA GLU B 137 15.23 19.03 1.90
C GLU B 137 14.88 18.71 0.45
N ASP B 138 15.38 17.57 -0.04
CA ASP B 138 15.14 17.14 -1.41
C ASP B 138 13.65 16.85 -1.65
N ILE B 139 13.00 16.25 -0.65
CA ILE B 139 11.58 15.94 -0.75
C ILE B 139 10.75 17.22 -0.66
N LEU B 140 11.09 18.07 0.30
CA LEU B 140 10.41 19.34 0.48
C LEU B 140 10.65 20.27 -0.70
N SER B 141 11.80 20.10 -1.35
CA SER B 141 12.11 20.83 -2.58
C SER B 141 11.05 20.59 -3.65
N ALA B 142 10.94 19.34 -4.09
CA ALA B 142 10.00 18.94 -5.14
C ALA B 142 8.58 19.43 -4.92
N ILE B 143 8.13 19.41 -3.67
CA ILE B 143 6.77 19.84 -3.35
C ILE B 143 6.63 21.36 -3.39
N LYS B 144 7.56 22.06 -2.76
CA LYS B 144 7.51 23.52 -2.68
C LYS B 144 7.77 24.15 -4.06
N GLU B 145 8.71 23.56 -4.79
CA GLU B 145 9.04 24.05 -6.13
C GLU B 145 8.14 23.40 -7.17
N GLY B 146 7.23 22.56 -6.69
CA GLY B 146 6.15 22.05 -7.52
C GLY B 146 6.55 21.09 -8.62
N ARG B 147 7.59 20.29 -8.40
CA ARG B 147 7.86 19.22 -9.34
C ARG B 147 7.33 17.92 -8.73
N VAL B 148 6.19 17.49 -9.26
CA VAL B 148 5.52 16.28 -8.84
C VAL B 148 4.98 15.70 -10.12
N LYS B 149 5.22 14.42 -10.37
CA LYS B 149 4.76 13.82 -11.62
C LYS B 149 3.25 13.95 -11.71
N LYS B 150 2.79 14.58 -12.79
CA LYS B 150 1.38 14.82 -12.97
C LYS B 150 0.73 13.58 -13.57
N ASP B 151 -0.41 13.19 -13.02
CA ASP B 151 -1.09 12.01 -13.49
C ASP B 151 -2.21 12.47 -14.42
N TYR B 152 -2.00 12.27 -15.72
CA TYR B 152 -2.88 12.85 -16.73
C TYR B 152 -4.17 12.06 -16.97
N LYS B 153 -4.07 10.73 -16.94
CA LYS B 153 -5.25 9.88 -17.10
C LYS B 153 -6.27 10.17 -16.00
N THR B 154 -5.78 10.50 -14.81
CA THR B 154 -6.64 10.83 -13.68
C THR B 154 -7.21 12.24 -13.82
N ILE B 155 -6.36 13.21 -14.12
CA ILE B 155 -6.78 14.58 -14.31
C ILE B 155 -7.83 14.69 -15.42
N LEU B 156 -7.56 14.02 -16.53
CA LEU B 156 -8.45 14.01 -17.68
C LEU B 156 -9.88 13.60 -17.30
N GLN B 157 -10.03 12.36 -16.84
CA GLN B 157 -11.34 11.81 -16.53
C GLN B 157 -12.10 12.60 -15.46
N GLU B 158 -11.37 13.38 -14.66
CA GLU B 158 -12.02 14.19 -13.64
C GLU B 158 -12.67 15.43 -14.24
N ILE B 159 -12.08 15.95 -15.32
CA ILE B 159 -12.65 17.10 -16.01
C ILE B 159 -13.80 16.69 -16.91
N THR B 160 -13.65 15.54 -17.56
CA THR B 160 -14.68 15.02 -18.46
C THR B 160 -15.96 14.68 -17.69
N GLN B 161 -15.79 14.14 -16.48
CA GLN B 161 -16.92 13.82 -15.62
C GLN B 161 -17.47 15.08 -14.97
N LYS B 162 -16.62 16.10 -14.86
CA LYS B 162 -17.04 17.40 -14.34
C LYS B 162 -17.99 18.06 -15.33
N ARG B 163 -17.69 17.91 -16.61
CA ARG B 163 -18.46 18.57 -17.66
C ARG B 163 -19.60 17.69 -18.17
N TRP B 164 -19.26 16.64 -18.90
CA TRP B 164 -20.26 15.82 -19.58
C TRP B 164 -20.66 14.56 -18.82
N LYS B 165 -20.12 14.39 -17.62
CA LYS B 165 -20.41 13.22 -16.77
C LYS B 165 -20.07 11.91 -17.49
N GLU B 166 -19.02 11.95 -18.29
CA GLU B 166 -18.57 10.78 -19.04
C GLU B 166 -17.07 10.59 -18.88
N ARG B 167 -16.57 9.44 -19.29
CA ARG B 167 -15.14 9.15 -19.19
C ARG B 167 -14.53 9.03 -20.56
N PRO B 168 -13.25 9.39 -20.70
CA PRO B 168 -12.58 9.24 -21.99
C PRO B 168 -12.37 7.77 -22.32
N GLU B 169 -12.33 7.45 -23.61
CA GLU B 169 -12.12 6.07 -24.04
C GLU B 169 -10.76 5.91 -24.70
N TYR B 170 -9.98 4.94 -24.21
CA TYR B 170 -8.66 4.67 -24.73
C TYR B 170 -8.67 3.40 -25.57
N ARG B 171 -8.50 3.54 -26.88
CA ARG B 171 -8.45 2.38 -27.77
C ARG B 171 -7.06 2.26 -28.39
N LEU B 172 -6.64 1.01 -28.59
CA LEU B 172 -5.33 0.74 -29.18
C LEU B 172 -5.36 0.95 -30.69
N ILE B 173 -4.22 1.31 -31.26
CA ILE B 173 -4.10 1.45 -32.70
C ILE B 173 -3.17 0.38 -33.24
N SER B 174 -1.91 0.42 -32.83
CA SER B 174 -0.91 -0.52 -33.31
C SER B 174 0.16 -0.85 -32.27
N VAL B 175 0.81 -1.99 -32.45
CA VAL B 175 1.96 -2.37 -31.64
C VAL B 175 3.15 -2.58 -32.56
N GLU B 176 4.18 -1.76 -32.38
CA GLU B 176 5.30 -1.72 -33.33
C GLU B 176 6.69 -1.81 -32.69
N GLY B 177 7.40 -2.88 -33.01
CA GLY B 177 8.77 -3.10 -32.58
C GLY B 177 9.08 -4.58 -32.62
N PRO B 178 10.36 -4.97 -32.48
CA PRO B 178 10.57 -6.42 -32.52
C PRO B 178 9.97 -7.20 -31.34
N HIS B 179 10.39 -6.90 -30.11
CA HIS B 179 9.69 -7.40 -28.92
C HIS B 179 9.60 -6.45 -27.73
N HIS B 180 10.76 -6.22 -27.11
CA HIS B 180 10.87 -5.35 -25.95
C HIS B 180 11.16 -3.95 -26.45
N LYS B 181 11.38 -3.86 -27.77
CA LYS B 181 11.56 -2.58 -28.44
C LYS B 181 10.21 -2.16 -29.02
N LYS B 182 9.17 -2.96 -28.73
CA LYS B 182 7.83 -2.70 -29.23
C LYS B 182 7.23 -1.43 -28.65
N LYS B 183 6.60 -0.64 -29.54
CA LYS B 183 5.97 0.61 -29.14
C LYS B 183 4.46 0.55 -29.41
N PHE B 184 3.69 1.14 -28.50
CA PHE B 184 2.24 1.12 -28.60
C PHE B 184 1.72 2.49 -29.03
N ILE B 185 0.71 2.50 -29.88
CA ILE B 185 0.07 3.75 -30.30
C ILE B 185 -1.40 3.71 -29.90
N VAL B 186 -1.83 4.68 -29.10
CA VAL B 186 -3.16 4.64 -28.48
C VAL B 186 -3.97 5.93 -28.64
N GLU B 187 -5.20 5.79 -29.13
CA GLU B 187 -6.12 6.92 -29.26
C GLU B 187 -6.85 7.19 -27.95
N ALA B 188 -7.12 8.47 -27.69
CA ALA B 188 -7.90 8.87 -26.52
C ALA B 188 -9.02 9.81 -26.96
N LYS B 189 -10.26 9.39 -26.72
CA LYS B 189 -11.41 10.13 -27.22
C LYS B 189 -12.40 10.55 -26.14
N ILE B 190 -12.72 11.84 -26.13
CA ILE B 190 -13.79 12.37 -25.28
C ILE B 190 -14.69 13.26 -26.14
N LYS B 191 -15.96 12.88 -26.23
CA LYS B 191 -16.92 13.55 -27.11
C LYS B 191 -16.31 13.60 -28.51
N GLU B 192 -16.31 14.78 -29.12
CA GLU B 192 -15.76 14.95 -30.46
C GLU B 192 -14.24 15.10 -30.59
N TYR B 193 -13.52 14.97 -29.47
CA TYR B 193 -12.08 15.21 -29.48
C TYR B 193 -11.27 13.91 -29.46
N ARG B 194 -10.25 13.86 -30.31
CA ARG B 194 -9.34 12.72 -30.35
C ARG B 194 -7.88 13.15 -30.30
N THR B 195 -7.07 12.37 -29.60
CA THR B 195 -5.63 12.63 -29.52
C THR B 195 -4.84 11.34 -29.64
N LEU B 196 -3.52 11.44 -29.51
CA LEU B 196 -2.64 10.29 -29.60
C LEU B 196 -1.49 10.33 -28.60
N GLY B 197 -0.88 9.17 -28.38
CA GLY B 197 0.26 9.04 -27.49
C GLY B 197 0.95 7.71 -27.73
N GLU B 198 2.12 7.52 -27.13
CA GLU B 198 2.86 6.28 -27.31
C GLU B 198 3.81 5.97 -26.14
N GLY B 199 4.26 4.72 -26.06
CA GLY B 199 5.17 4.30 -25.02
C GLY B 199 5.62 2.87 -25.16
N LYS B 200 6.25 2.33 -24.11
CA LYS B 200 6.71 0.95 -24.12
C LYS B 200 5.62 0.00 -23.63
N SER B 201 4.53 0.58 -23.14
CA SER B 201 3.40 -0.19 -22.64
C SER B 201 2.09 0.49 -23.00
N LYS B 202 0.99 -0.26 -22.92
CA LYS B 202 -0.34 0.29 -23.21
C LYS B 202 -0.66 1.42 -22.24
N LYS B 203 -0.48 1.15 -20.95
CA LYS B 203 -0.78 2.09 -19.88
C LYS B 203 0.00 3.40 -20.02
N GLU B 204 1.25 3.29 -20.47
CA GLU B 204 2.09 4.47 -20.69
C GLU B 204 1.61 5.25 -21.90
N ALA B 205 1.26 4.53 -22.96
CA ALA B 205 0.78 5.16 -24.19
C ALA B 205 -0.56 5.86 -23.96
N GLU B 206 -1.31 5.37 -22.98
CA GLU B 206 -2.58 5.99 -22.62
C GLU B 206 -2.35 7.24 -21.77
N GLN B 207 -1.16 7.33 -21.18
CA GLN B 207 -0.83 8.47 -20.32
C GLN B 207 -0.44 9.70 -21.13
N ARG B 208 0.37 9.52 -22.17
CA ARG B 208 0.76 10.63 -23.03
C ARG B 208 -0.44 11.12 -23.84
N ALA B 209 -1.24 10.18 -24.32
CA ALA B 209 -2.46 10.52 -25.05
C ALA B 209 -3.43 11.30 -24.17
N ALA B 210 -3.42 10.99 -22.87
CA ALA B 210 -4.26 11.71 -21.91
C ALA B 210 -3.75 13.14 -21.73
N GLU B 211 -2.43 13.32 -21.82
CA GLU B 211 -1.83 14.64 -21.69
C GLU B 211 -2.16 15.53 -22.88
N GLU B 212 -2.00 14.98 -24.09
CA GLU B 212 -2.27 15.70 -25.32
C GLU B 212 -3.74 16.07 -25.44
N LEU B 213 -4.59 15.34 -24.72
CA LEU B 213 -6.03 15.56 -24.78
C LEU B 213 -6.46 16.74 -23.91
N ILE B 214 -5.81 16.90 -22.76
CA ILE B 214 -6.07 18.05 -21.89
C ILE B 214 -5.66 19.32 -22.63
N LYS B 215 -4.63 19.20 -23.47
CA LYS B 215 -4.23 20.29 -24.35
C LYS B 215 -5.37 20.57 -25.32
N LEU B 216 -5.92 19.50 -25.90
CA LEU B 216 -6.92 19.64 -26.96
C LEU B 216 -8.18 20.34 -26.49
N LEU B 217 -8.50 20.28 -25.20
CA LEU B 217 -9.51 21.18 -24.70
C LEU B 217 -8.79 22.28 -23.92
N GLU B 218 -8.56 23.38 -24.60
CA GLU B 218 -8.15 24.64 -24.01
C GLU B 218 -8.96 25.68 -24.77
N GLU B 219 -8.66 25.74 -26.06
CA GLU B 219 -9.36 26.55 -27.04
C GLU B 219 -10.81 26.10 -27.16
N SER B 220 -11.11 24.89 -26.69
CA SER B 220 -12.46 24.37 -26.65
C SER B 220 -13.32 25.18 -25.69
MG MG E . -5.41 1.16 6.34
MG MG F . 7.65 -0.46 -2.83
MG MG G . -11.10 7.59 3.87
MG MG H . -12.71 8.27 -0.50
O3P C5P I . -7.74 1.95 3.17
P C5P I . -7.05 3.01 3.94
O1P C5P I . -6.30 2.27 4.98
O2P C5P I . -8.08 3.98 4.34
O5' C5P I . -6.03 3.68 2.92
C5' C5P I . -4.72 4.06 3.33
C4' C5P I . -3.98 4.81 2.25
O4' C5P I . -3.58 3.89 1.19
C3' C5P I . -4.75 5.89 1.52
O3' C5P I . -4.82 7.10 2.27
C2' C5P I . -3.98 6.02 0.21
O2' C5P I . -2.81 6.80 0.39
C1' C5P I . -3.56 4.57 -0.05
N1 C5P I . -4.49 3.89 -0.99
C2 C5P I . -4.42 4.20 -2.36
N3 C5P I . -5.25 3.58 -3.22
C4 C5P I . -6.12 2.67 -2.78
C5 C5P I . -6.20 2.32 -1.40
C6 C5P I . -5.38 2.95 -0.54
O2 C5P I . -3.61 5.05 -2.75
N4 C5P I . -6.91 2.08 -3.67
MG MG J . 9.40 -7.21 -5.93
MG MG K . 6.10 -10.36 -8.83
O3P C5P L . 5.89 -2.46 -5.96
P C5P L . 6.81 -3.01 -4.95
O1P C5P L . 7.37 -1.83 -4.26
O2P C5P L . 7.74 -3.91 -5.70
O5' C5P L . 5.90 -3.86 -3.95
C5' C5P L . 6.27 -3.98 -2.58
C4' C5P L . 5.14 -4.56 -1.75
O4' C5P L . 3.92 -3.81 -1.97
C3' C5P L . 4.75 -5.99 -2.07
O3' C5P L . 5.64 -6.95 -1.51
C2' C5P L . 3.34 -6.07 -1.50
O2' C5P L . 3.36 -6.24 -0.09
C1' C5P L . 2.80 -4.67 -1.80
N1 C5P L . 1.99 -4.63 -3.04
C2 C5P L . 0.69 -5.15 -3.01
N3 C5P L . -0.07 -5.12 -4.13
C4 C5P L . 0.41 -4.60 -5.25
C5 C5P L . 1.73 -4.05 -5.31
C6 C5P L . 2.48 -4.10 -4.20
O2 C5P L . 0.26 -5.63 -1.96
N4 C5P L . -0.38 -4.58 -6.33
#